data_5ES1
#
_entry.id   5ES1
#
_cell.length_a   111.478
_cell.length_b   111.478
_cell.length_c   69.775
_cell.angle_alpha   90.000
_cell.angle_beta   90.000
_cell.angle_gamma   120.000
#
_symmetry.space_group_name_H-M   'P 62'
#
loop_
_entity.id
_entity.type
_entity.pdbx_description
1 polymer 'MAP/microtubule affinity-regulating kinase 4'
2 non-polymer ~{N}-[(1~{R},6~{R})-6-azanyl-2,2-bis(fluoranyl)cyclohexyl]-5-ethyl-4-[6-(trifluoromethyl)pyrazolo[1,5-a]pyrimidin-3-yl]thiophene-2-carboxamide
3 water water
#
_entity_poly.entity_id   1
_entity_poly.type   'polypeptide(L)'
_entity_poly.pdbx_seq_one_letter_code
;GNSIASCPEEQPHVGNYRLLRTIGKGNFAKVKLARHILTGREVAIKIIDKTQLNPSSLQKLFREVRIMKGLNHPNIVKLF
EVIETEKTLYLVMEYASAGEVFDYLVSHGRMKEKEARAKFRQIVSAVHYCHQKNIVHRDLKAENLLLDAEANIKIADFGF
SNEFTLGSKLDTFCGSPPYAAPELFQGKKYDGPEVDIWSLGVILYTLVSGSLPFDGHNLKELRERVLRGKYRVPFYMSTD
CESILRRFLVLNPAKRCTLEQIMKDKWINIGYEGEELKPYTEPEEDFGDTKRIEVMVGMGYTREEIKESLTSQKYNEVTA
TYLLLGRK
;
_entity_poly.pdbx_strand_id   A
#
loop_
_chem_comp.id
_chem_comp.type
_chem_comp.name
_chem_comp.formula
5RC non-polymer ~{N}-[(1~{R},6~{R})-6-azanyl-2,2-bis(fluoranyl)cyclohexyl]-5-ethyl-4-[6-(trifluoromethyl)pyrazolo[1,5-a]pyrimidin-3-yl]thiophene-2-carboxamide 'C20 H20 F5 N5 O S'
#
# COMPACT_ATOMS: atom_id res chain seq x y z
N PRO A 12 -0.74 -27.64 0.59
CA PRO A 12 -1.95 -26.88 0.92
C PRO A 12 -2.05 -26.47 2.40
N HIS A 13 -0.87 -26.35 3.10
CA HIS A 13 -0.75 -26.01 4.53
C HIS A 13 0.69 -25.56 4.90
N VAL A 14 0.82 -24.39 5.57
CA VAL A 14 2.05 -23.78 6.09
C VAL A 14 1.64 -23.14 7.41
N GLY A 15 2.31 -23.51 8.50
CA GLY A 15 2.04 -23.02 9.85
C GLY A 15 0.60 -23.31 10.25
N ASN A 16 -0.13 -22.24 10.61
CA ASN A 16 -1.55 -22.30 10.98
C ASN A 16 -2.43 -21.87 9.79
N TYR A 17 -1.99 -22.12 8.54
CA TYR A 17 -2.71 -21.66 7.35
C TYR A 17 -2.96 -22.69 6.28
N ARG A 18 -4.20 -22.70 5.74
CA ARG A 18 -4.56 -23.58 4.62
C ARG A 18 -4.46 -22.73 3.34
N LEU A 19 -3.52 -23.09 2.45
CA LEU A 19 -3.30 -22.35 1.21
C LEU A 19 -4.45 -22.62 0.27
N LEU A 20 -5.14 -21.55 -0.20
CA LEU A 20 -6.28 -21.71 -1.08
C LEU A 20 -5.91 -21.57 -2.54
N ARG A 21 -6.04 -20.39 -3.12
CA ARG A 21 -5.71 -20.20 -4.52
C ARG A 21 -4.68 -19.10 -4.70
N THR A 22 -3.82 -19.25 -5.71
CA THR A 22 -2.85 -18.22 -6.08
C THR A 22 -3.66 -17.01 -6.59
N ILE A 23 -3.38 -15.85 -6.00
CA ILE A 23 -4.08 -14.60 -6.29
C ILE A 23 -3.08 -13.55 -6.85
N GLY A 24 -1.87 -14.01 -7.14
CA GLY A 24 -0.81 -13.16 -7.66
C GLY A 24 0.43 -13.90 -8.08
N LYS A 25 1.10 -13.41 -9.11
CA LYS A 25 2.36 -14.01 -9.55
C LYS A 25 3.30 -12.94 -10.13
N GLY A 26 4.46 -12.77 -9.49
CA GLY A 26 5.51 -11.87 -9.92
C GLY A 26 6.67 -12.66 -10.48
N ASN A 27 7.79 -11.97 -10.80
CA ASN A 27 9.02 -12.57 -11.36
C ASN A 27 10.05 -13.00 -10.26
N PHE A 28 9.52 -13.49 -9.12
CA PHE A 28 10.29 -13.94 -7.95
C PHE A 28 9.35 -14.49 -6.86
N ALA A 29 8.22 -13.76 -6.62
CA ALA A 29 7.23 -14.10 -5.62
C ALA A 29 5.87 -14.47 -6.21
N LYS A 30 5.01 -15.08 -5.39
CA LYS A 30 3.62 -15.41 -5.69
C LYS A 30 2.78 -15.15 -4.44
N VAL A 31 1.57 -14.63 -4.61
CA VAL A 31 0.68 -14.38 -3.47
C VAL A 31 -0.47 -15.41 -3.54
N LYS A 32 -0.82 -15.97 -2.38
CA LYS A 32 -1.90 -16.93 -2.30
C LYS A 32 -2.89 -16.47 -1.26
N LEU A 33 -4.16 -16.74 -1.49
CA LEU A 33 -5.21 -16.48 -0.52
C LEU A 33 -5.10 -17.66 0.46
N ALA A 34 -5.17 -17.39 1.76
CA ALA A 34 -5.09 -18.46 2.73
C ALA A 34 -6.12 -18.29 3.83
N ARG A 35 -6.48 -19.39 4.53
CA ARG A 35 -7.39 -19.35 5.66
C ARG A 35 -6.64 -19.73 6.96
N HIS A 36 -6.67 -18.83 7.97
CA HIS A 36 -6.04 -19.06 9.27
C HIS A 36 -6.93 -20.10 9.98
N ILE A 37 -6.46 -21.35 10.05
CA ILE A 37 -7.18 -22.54 10.53
C ILE A 37 -7.81 -22.37 11.93
N LEU A 38 -7.22 -21.57 12.84
CA LEU A 38 -7.77 -21.39 14.19
C LEU A 38 -9.00 -20.46 14.17
N THR A 39 -8.78 -19.19 13.77
CA THR A 39 -9.74 -18.08 13.73
C THR A 39 -10.71 -18.07 12.54
N GLY A 40 -10.41 -18.83 11.50
CA GLY A 40 -11.22 -18.93 10.29
C GLY A 40 -11.09 -17.76 9.32
N ARG A 41 -10.28 -16.74 9.71
CA ARG A 41 -10.05 -15.51 8.95
C ARG A 41 -9.32 -15.77 7.65
N GLU A 42 -9.61 -14.96 6.62
CA GLU A 42 -8.93 -15.06 5.33
C GLU A 42 -7.75 -14.11 5.41
N VAL A 43 -6.62 -14.50 4.82
CA VAL A 43 -5.39 -13.72 4.79
C VAL A 43 -4.80 -13.91 3.40
N ALA A 44 -3.76 -13.16 3.09
CA ALA A 44 -3.02 -13.33 1.85
C ALA A 44 -1.59 -13.59 2.29
N ILE A 45 -0.95 -14.62 1.72
CA ILE A 45 0.43 -14.94 2.03
C ILE A 45 1.30 -14.73 0.78
N LYS A 46 2.35 -13.89 0.91
CA LYS A 46 3.33 -13.65 -0.16
C LYS A 46 4.44 -14.66 0.06
N ILE A 47 4.49 -15.65 -0.83
CA ILE A 47 5.43 -16.77 -0.83
C ILE A 47 6.65 -16.43 -1.67
N ILE A 48 7.86 -16.59 -1.09
CA ILE A 48 9.12 -16.29 -1.79
C ILE A 48 10.16 -17.42 -1.64
N ASP A 49 10.66 -17.93 -2.78
CA ASP A 49 11.73 -18.91 -2.90
C ASP A 49 13.02 -18.11 -2.93
N LYS A 50 13.74 -18.09 -1.80
CA LYS A 50 14.99 -17.36 -1.62
C LYS A 50 16.15 -17.89 -2.48
N THR A 51 16.08 -19.16 -2.88
CA THR A 51 17.14 -19.80 -3.69
C THR A 51 17.15 -19.26 -5.14
N GLN A 52 15.98 -18.83 -5.66
CA GLN A 52 15.88 -18.29 -7.02
C GLN A 52 16.25 -16.78 -7.15
N LEU A 53 16.56 -16.11 -6.01
CA LEU A 53 16.90 -14.69 -5.93
C LEU A 53 18.40 -14.43 -6.03
N ASN A 54 18.79 -13.36 -6.77
CA ASN A 54 20.20 -12.93 -6.89
C ASN A 54 20.60 -12.16 -5.61
N PRO A 55 21.92 -11.87 -5.33
CA PRO A 55 22.28 -11.19 -4.07
C PRO A 55 21.60 -9.85 -3.78
N SER A 56 21.26 -9.06 -4.82
CA SER A 56 20.62 -7.75 -4.63
C SER A 56 19.12 -7.85 -4.29
N SER A 57 18.37 -8.69 -5.02
CA SER A 57 16.94 -8.88 -4.75
C SER A 57 16.71 -9.54 -3.38
N LEU A 58 17.67 -10.39 -2.96
CA LEU A 58 17.72 -11.02 -1.65
C LEU A 58 17.87 -9.89 -0.58
N GLN A 59 18.76 -8.91 -0.87
CA GLN A 59 18.96 -7.71 -0.04
C GLN A 59 17.67 -6.85 -0.02
N LYS A 60 16.98 -6.71 -1.19
CA LYS A 60 15.71 -5.96 -1.29
C LYS A 60 14.54 -6.65 -0.53
N LEU A 61 14.52 -8.00 -0.54
CA LEU A 61 13.54 -8.81 0.18
C LEU A 61 13.71 -8.62 1.68
N PHE A 62 14.98 -8.61 2.14
CA PHE A 62 15.26 -8.40 3.57
C PHE A 62 14.88 -6.98 3.99
N ARG A 63 15.18 -5.95 3.13
CA ARG A 63 14.73 -4.54 3.32
C ARG A 63 13.19 -4.49 3.42
N GLU A 64 12.48 -5.18 2.47
CA GLU A 64 11.03 -5.27 2.37
C GLU A 64 10.42 -5.74 3.68
N VAL A 65 10.92 -6.91 4.21
CA VAL A 65 10.47 -7.48 5.48
C VAL A 65 10.67 -6.49 6.65
N ARG A 66 11.85 -5.82 6.71
CA ARG A 66 12.10 -4.79 7.75
C ARG A 66 11.08 -3.65 7.66
N ILE A 67 10.95 -3.01 6.46
CA ILE A 67 9.97 -1.94 6.21
C ILE A 67 8.56 -2.38 6.65
N MET A 68 8.13 -3.57 6.22
CA MET A 68 6.81 -4.09 6.58
C MET A 68 6.59 -4.14 8.08
N LYS A 69 7.63 -4.58 8.85
CA LYS A 69 7.61 -4.70 10.31
C LYS A 69 7.35 -3.38 10.99
N GLY A 70 7.92 -2.31 10.45
CA GLY A 70 7.74 -0.95 10.98
C GLY A 70 6.60 -0.10 10.44
N LEU A 71 5.45 -0.69 10.00
CA LEU A 71 4.32 0.11 9.50
C LEU A 71 2.98 -0.32 10.10
N ASN A 72 2.18 0.67 10.52
CA ASN A 72 0.87 0.44 11.15
C ASN A 72 -0.12 1.57 10.77
N HIS A 73 -0.80 1.40 9.61
CA HIS A 73 -1.76 2.35 9.00
C HIS A 73 -2.98 1.57 8.49
N PRO A 74 -4.21 2.06 8.69
CA PRO A 74 -5.39 1.31 8.21
C PRO A 74 -5.59 1.24 6.69
N ASN A 75 -4.67 1.85 5.92
CA ASN A 75 -4.71 1.90 4.45
C ASN A 75 -3.41 1.39 3.80
N ILE A 76 -2.69 0.53 4.53
CA ILE A 76 -1.49 -0.16 4.07
C ILE A 76 -1.70 -1.61 4.48
N VAL A 77 -1.51 -2.56 3.52
CA VAL A 77 -1.66 -3.99 3.79
C VAL A 77 -0.72 -4.30 4.97
N LYS A 78 -1.28 -4.78 6.11
CA LYS A 78 -0.48 -5.04 7.31
C LYS A 78 0.02 -6.44 7.44
N LEU A 79 1.28 -6.57 7.86
CA LEU A 79 1.93 -7.86 8.13
C LEU A 79 1.41 -8.47 9.45
N PHE A 80 1.19 -9.77 9.47
CA PHE A 80 0.73 -10.45 10.67
C PHE A 80 1.81 -11.38 11.21
N GLU A 81 2.36 -12.25 10.33
CA GLU A 81 3.29 -13.31 10.66
C GLU A 81 4.35 -13.47 9.56
N VAL A 82 5.56 -13.93 9.95
CA VAL A 82 6.69 -14.26 9.07
C VAL A 82 6.98 -15.74 9.35
N ILE A 83 6.76 -16.63 8.35
CA ILE A 83 7.07 -18.03 8.51
C ILE A 83 8.34 -18.29 7.74
N GLU A 84 9.40 -18.61 8.46
CA GLU A 84 10.75 -18.80 7.90
C GLU A 84 11.12 -20.27 7.73
N THR A 85 11.81 -20.56 6.60
CA THR A 85 12.32 -21.89 6.21
C THR A 85 13.65 -21.63 5.51
N GLU A 86 14.51 -22.64 5.46
CA GLU A 86 15.83 -22.48 4.86
C GLU A 86 15.72 -21.87 3.43
N LYS A 87 14.81 -22.43 2.60
CA LYS A 87 14.66 -22.05 1.21
C LYS A 87 13.50 -21.07 0.91
N THR A 88 12.39 -21.10 1.69
CA THR A 88 11.21 -20.26 1.44
C THR A 88 10.81 -19.33 2.61
N LEU A 89 10.47 -18.08 2.25
CA LEU A 89 9.97 -17.04 3.14
C LEU A 89 8.46 -16.82 2.91
N TYR A 90 7.66 -16.78 4.02
CA TYR A 90 6.19 -16.65 4.03
C TYR A 90 5.75 -15.42 4.78
N LEU A 91 5.17 -14.48 4.04
CA LEU A 91 4.72 -13.19 4.55
C LEU A 91 3.21 -13.13 4.62
N VAL A 92 2.67 -13.41 5.83
CA VAL A 92 1.22 -13.43 6.12
C VAL A 92 0.76 -12.04 6.38
N MET A 93 -0.12 -11.52 5.51
CA MET A 93 -0.60 -10.14 5.57
C MET A 93 -2.11 -10.11 5.37
N GLU A 94 -2.72 -8.89 5.39
CA GLU A 94 -4.17 -8.68 5.15
C GLU A 94 -4.48 -9.06 3.72
N TYR A 95 -5.73 -9.53 3.52
CA TYR A 95 -6.23 -9.84 2.19
C TYR A 95 -7.19 -8.74 1.78
N ALA A 96 -6.80 -7.92 0.75
CA ALA A 96 -7.64 -6.85 0.18
C ALA A 96 -8.63 -7.52 -0.78
N SER A 97 -9.76 -7.90 -0.22
CA SER A 97 -10.87 -8.65 -0.79
C SER A 97 -11.36 -8.19 -2.21
N ALA A 98 -11.56 -6.87 -2.40
CA ALA A 98 -12.09 -6.24 -3.63
C ALA A 98 -11.09 -6.01 -4.78
N GLY A 99 -9.83 -6.39 -4.60
CA GLY A 99 -8.82 -6.30 -5.65
C GLY A 99 -8.24 -4.94 -5.99
N GLU A 100 -7.58 -4.84 -7.16
CA GLU A 100 -6.96 -3.62 -7.68
C GLU A 100 -7.92 -2.51 -8.01
N VAL A 101 -7.47 -1.26 -7.83
CA VAL A 101 -8.19 -0.04 -8.17
C VAL A 101 -8.20 0.00 -9.70
N PHE A 102 -7.07 -0.39 -10.32
CA PHE A 102 -6.92 -0.52 -11.76
C PHE A 102 -8.20 -1.21 -12.37
N ASP A 103 -8.51 -2.44 -11.88
CA ASP A 103 -9.62 -3.28 -12.29
C ASP A 103 -10.94 -2.59 -12.03
N TYR A 104 -11.08 -2.01 -10.82
CA TYR A 104 -12.25 -1.27 -10.39
C TYR A 104 -12.59 -0.16 -11.40
N LEU A 105 -11.55 0.59 -11.87
CA LEU A 105 -11.72 1.63 -12.86
C LEU A 105 -12.18 1.06 -14.21
N VAL A 106 -11.58 -0.07 -14.68
CA VAL A 106 -12.00 -0.61 -15.98
C VAL A 106 -13.42 -1.14 -15.89
N SER A 107 -13.71 -1.77 -14.75
CA SER A 107 -14.98 -2.40 -14.48
C SER A 107 -16.12 -1.40 -14.27
N HIS A 108 -15.89 -0.34 -13.46
CA HIS A 108 -16.93 0.66 -13.10
C HIS A 108 -16.78 2.05 -13.70
N GLY A 109 -15.80 2.28 -14.56
CA GLY A 109 -15.56 3.58 -15.16
C GLY A 109 -14.89 4.52 -14.16
N ARG A 110 -14.41 5.71 -14.67
CA ARG A 110 -13.79 6.77 -13.86
C ARG A 110 -14.63 7.01 -12.59
N MET A 111 -13.98 7.43 -11.50
CA MET A 111 -14.69 7.69 -10.26
C MET A 111 -15.16 9.13 -10.26
N LYS A 112 -16.35 9.35 -9.68
CA LYS A 112 -16.88 10.69 -9.47
C LYS A 112 -15.98 11.27 -8.35
N GLU A 113 -15.74 12.61 -8.38
CA GLU A 113 -14.82 13.29 -7.47
C GLU A 113 -15.06 13.00 -5.99
N LYS A 114 -16.32 12.77 -5.53
CA LYS A 114 -16.56 12.40 -4.11
C LYS A 114 -15.84 11.07 -3.79
N GLU A 115 -15.92 10.11 -4.73
CA GLU A 115 -15.29 8.79 -4.63
C GLU A 115 -13.77 8.89 -4.74
N ALA A 116 -13.25 9.61 -5.76
CA ALA A 116 -11.81 9.78 -5.92
C ALA A 116 -11.21 10.47 -4.68
N ARG A 117 -11.96 11.45 -4.07
CA ARG A 117 -11.55 12.19 -2.86
C ARG A 117 -11.47 11.26 -1.66
N ALA A 118 -12.54 10.42 -1.43
CA ALA A 118 -12.59 9.46 -0.33
C ALA A 118 -11.36 8.55 -0.37
N LYS A 119 -11.08 7.94 -1.58
CA LYS A 119 -9.94 7.05 -1.80
C LYS A 119 -8.62 7.81 -1.69
N PHE A 120 -8.50 8.96 -2.37
CA PHE A 120 -7.26 9.73 -2.41
C PHE A 120 -6.79 10.27 -1.06
N ARG A 121 -7.71 10.62 -0.16
CA ARG A 121 -7.35 11.11 1.17
C ARG A 121 -6.59 10.01 1.91
N GLN A 122 -7.08 8.76 1.80
CA GLN A 122 -6.45 7.61 2.41
C GLN A 122 -5.04 7.41 1.90
N ILE A 123 -4.88 7.39 0.55
CA ILE A 123 -3.58 7.24 -0.11
C ILE A 123 -2.63 8.30 0.43
N VAL A 124 -3.07 9.58 0.49
CA VAL A 124 -2.23 10.67 0.98
C VAL A 124 -1.83 10.41 2.44
N SER A 125 -2.78 10.04 3.31
CA SER A 125 -2.50 9.69 4.71
C SER A 125 -1.42 8.58 4.81
N ALA A 126 -1.62 7.49 4.04
CA ALA A 126 -0.71 6.33 3.98
C ALA A 126 0.67 6.64 3.42
N VAL A 127 0.75 7.38 2.30
CA VAL A 127 2.01 7.74 1.64
C VAL A 127 2.80 8.73 2.51
N HIS A 128 2.09 9.69 3.16
CA HIS A 128 2.75 10.64 4.06
C HIS A 128 3.37 9.90 5.25
N TYR A 129 2.58 9.08 5.96
CA TYR A 129 3.01 8.24 7.07
C TYR A 129 4.33 7.52 6.74
N CYS A 130 4.41 6.90 5.55
CA CYS A 130 5.60 6.21 5.08
C CYS A 130 6.77 7.17 5.02
N HIS A 131 6.60 8.35 4.40
CA HIS A 131 7.66 9.37 4.30
C HIS A 131 8.15 9.85 5.67
N GLN A 132 7.21 9.96 6.65
CA GLN A 132 7.49 10.34 8.04
C GLN A 132 8.36 9.24 8.69
N LYS A 133 7.96 7.96 8.57
CA LYS A 133 8.75 6.84 9.10
C LYS A 133 9.94 6.52 8.19
N ASN A 134 10.38 7.51 7.38
CA ASN A 134 11.53 7.48 6.47
C ASN A 134 11.49 6.39 5.42
N ILE A 135 10.30 6.11 4.86
CA ILE A 135 10.07 5.09 3.83
C ILE A 135 9.56 5.77 2.55
N VAL A 136 10.07 5.33 1.42
CA VAL A 136 9.65 5.85 0.12
C VAL A 136 9.25 4.63 -0.73
N HIS A 137 7.93 4.48 -0.96
CA HIS A 137 7.33 3.36 -1.71
C HIS A 137 8.03 3.04 -3.04
N ARG A 138 8.29 4.07 -3.86
CA ARG A 138 8.97 4.00 -5.16
C ARG A 138 8.23 3.14 -6.24
N ASP A 139 7.04 2.59 -5.93
CA ASP A 139 6.24 1.83 -6.91
C ASP A 139 4.73 2.11 -6.77
N LEU A 140 4.36 3.38 -6.62
CA LEU A 140 2.94 3.68 -6.52
C LEU A 140 2.32 3.65 -7.93
N LYS A 141 1.48 2.63 -8.17
CA LYS A 141 0.76 2.31 -9.39
C LYS A 141 -0.64 1.89 -8.93
N ALA A 142 -1.67 2.02 -9.80
CA ALA A 142 -3.05 1.61 -9.49
C ALA A 142 -3.14 0.08 -9.18
N GLU A 143 -2.13 -0.72 -9.66
CA GLU A 143 -1.98 -2.16 -9.40
C GLU A 143 -1.73 -2.40 -7.91
N ASN A 144 -0.87 -1.56 -7.27
CA ASN A 144 -0.49 -1.65 -5.85
C ASN A 144 -1.51 -1.03 -4.91
N LEU A 145 -2.59 -0.53 -5.50
CA LEU A 145 -3.67 0.07 -4.75
C LEU A 145 -4.84 -0.86 -4.80
N LEU A 146 -5.27 -1.23 -3.61
CA LEU A 146 -6.37 -2.15 -3.50
C LEU A 146 -7.41 -1.75 -2.49
N LEU A 147 -8.41 -2.60 -2.45
CA LEU A 147 -9.60 -2.40 -1.66
C LEU A 147 -10.03 -3.59 -0.81
N ASP A 148 -10.53 -3.30 0.41
CA ASP A 148 -11.23 -4.28 1.23
C ASP A 148 -12.73 -4.31 0.78
N ALA A 149 -13.60 -5.16 1.39
CA ALA A 149 -15.03 -5.27 1.11
C ALA A 149 -15.81 -3.94 1.45
N GLU A 150 -15.28 -3.10 2.37
CA GLU A 150 -15.80 -1.78 2.77
C GLU A 150 -15.19 -0.64 1.84
N ALA A 151 -14.56 -1.06 0.70
CA ALA A 151 -13.92 -0.25 -0.37
C ALA A 151 -12.85 0.75 0.11
N ASN A 152 -12.06 0.33 1.11
CA ASN A 152 -10.97 1.15 1.62
C ASN A 152 -9.69 0.76 0.92
N ILE A 153 -8.86 1.77 0.64
CA ILE A 153 -7.55 1.64 0.02
C ILE A 153 -6.64 0.90 1.02
N LYS A 154 -5.76 0.04 0.48
CA LYS A 154 -4.77 -0.79 1.17
C LYS A 154 -3.58 -0.82 0.23
N ILE A 155 -2.54 -0.03 0.52
CA ILE A 155 -1.33 -0.01 -0.31
C ILE A 155 -0.53 -1.28 -0.02
N ALA A 156 -0.27 -2.02 -1.11
CA ALA A 156 0.44 -3.29 -1.13
C ALA A 156 1.80 -3.16 -1.80
N ASP A 157 2.60 -4.21 -1.64
CA ASP A 157 3.95 -4.48 -2.14
C ASP A 157 5.05 -4.09 -1.14
N PHE A 158 5.77 -2.98 -1.41
CA PHE A 158 6.93 -2.49 -0.65
C PHE A 158 8.23 -3.24 -1.01
N GLY A 159 8.18 -4.05 -2.08
CA GLY A 159 9.33 -4.77 -2.62
C GLY A 159 10.43 -3.85 -3.14
N PHE A 160 10.05 -2.78 -3.89
CA PHE A 160 10.98 -1.81 -4.47
C PHE A 160 11.18 -0.50 -3.62
N SER A 161 10.80 -0.52 -2.32
CA SER A 161 10.90 0.65 -1.43
C SER A 161 12.22 0.77 -0.59
N ASN A 162 12.41 1.93 0.08
CA ASN A 162 13.57 2.25 0.92
C ASN A 162 13.16 3.03 2.17
N SER A 176 7.58 1.52 -12.15
CA SER A 176 6.67 1.59 -13.32
C SER A 176 6.82 2.92 -14.07
N PRO A 177 6.95 2.91 -15.43
CA PRO A 177 7.18 4.18 -16.15
C PRO A 177 6.03 5.19 -16.16
N PRO A 178 4.74 4.88 -16.53
CA PRO A 178 3.71 5.94 -16.54
C PRO A 178 3.53 6.71 -15.23
N TYR A 179 4.01 6.15 -14.11
CA TYR A 179 3.94 6.76 -12.79
C TYR A 179 5.25 7.36 -12.34
N ALA A 180 6.34 7.07 -13.08
CA ALA A 180 7.69 7.53 -12.73
C ALA A 180 7.94 9.00 -13.03
N ALA A 181 8.47 9.73 -12.03
CA ALA A 181 8.83 11.15 -12.07
C ALA A 181 9.84 11.50 -13.22
N PRO A 182 9.81 12.75 -13.78
CA PRO A 182 10.74 13.09 -14.90
C PRO A 182 12.24 12.86 -14.63
N GLU A 183 12.71 13.16 -13.39
CA GLU A 183 14.10 12.97 -12.93
C GLU A 183 14.58 11.50 -13.04
N LEU A 184 13.71 10.52 -12.72
CA LEU A 184 14.00 9.09 -12.78
C LEU A 184 14.14 8.59 -14.24
N PHE A 185 13.42 9.22 -15.20
CA PHE A 185 13.43 8.88 -16.64
C PHE A 185 14.74 9.27 -17.30
N GLN A 186 15.42 10.28 -16.71
CA GLN A 186 16.70 10.81 -17.15
C GLN A 186 17.85 9.99 -16.52
N GLY A 187 17.64 9.57 -15.27
CA GLY A 187 18.62 8.82 -14.50
C GLY A 187 19.37 9.78 -13.60
N LYS A 188 18.68 10.88 -13.22
CA LYS A 188 19.18 11.96 -12.38
C LYS A 188 19.28 11.58 -10.87
N LYS A 189 19.33 12.60 -9.99
CA LYS A 189 19.47 12.49 -8.54
C LYS A 189 18.40 11.66 -7.85
N TYR A 190 18.71 11.22 -6.62
CA TYR A 190 17.85 10.39 -5.77
C TYR A 190 16.71 11.22 -5.12
N ASP A 191 16.96 11.68 -3.87
CA ASP A 191 16.09 12.35 -2.90
C ASP A 191 15.07 11.34 -2.38
N GLY A 192 13.84 11.30 -2.90
CA GLY A 192 12.89 10.29 -2.45
C GLY A 192 11.41 10.63 -2.36
N PRO A 193 10.95 11.24 -1.24
CA PRO A 193 9.50 11.52 -1.09
C PRO A 193 8.85 12.19 -2.30
N GLU A 194 9.60 13.08 -2.98
CA GLU A 194 9.20 13.82 -4.17
C GLU A 194 8.81 12.94 -5.36
N VAL A 195 9.42 11.74 -5.49
CA VAL A 195 9.14 10.83 -6.60
C VAL A 195 7.79 10.11 -6.34
N ASP A 196 7.45 9.88 -5.07
CA ASP A 196 6.17 9.28 -4.69
C ASP A 196 5.04 10.29 -4.94
N ILE A 197 5.33 11.61 -4.74
CA ILE A 197 4.41 12.74 -4.90
C ILE A 197 4.01 12.92 -6.38
N TRP A 198 4.96 12.79 -7.32
CA TRP A 198 4.65 12.85 -8.75
C TRP A 198 3.69 11.71 -9.12
N SER A 199 3.90 10.52 -8.51
CA SER A 199 3.10 9.32 -8.73
C SER A 199 1.67 9.50 -8.27
N LEU A 200 1.47 10.21 -7.14
CA LEU A 200 0.15 10.49 -6.57
C LEU A 200 -0.70 11.35 -7.51
N GLY A 201 -0.04 12.23 -8.26
CA GLY A 201 -0.64 13.07 -9.29
C GLY A 201 -1.06 12.24 -10.47
N VAL A 202 -0.33 11.15 -10.74
CA VAL A 202 -0.66 10.23 -11.83
C VAL A 202 -1.84 9.36 -11.38
N ILE A 203 -1.84 8.96 -10.09
CA ILE A 203 -2.93 8.16 -9.49
C ILE A 203 -4.24 8.97 -9.55
N LEU A 204 -4.28 10.19 -8.94
CA LEU A 204 -5.45 11.07 -8.97
C LEU A 204 -5.93 11.32 -10.40
N TYR A 205 -5.02 11.49 -11.34
CA TYR A 205 -5.41 11.70 -12.73
C TYR A 205 -6.21 10.48 -13.23
N THR A 206 -5.76 9.24 -12.93
CA THR A 206 -6.47 8.05 -13.38
C THR A 206 -7.80 7.85 -12.63
N LEU A 207 -7.78 8.05 -11.30
CA LEU A 207 -8.97 7.94 -10.47
C LEU A 207 -10.14 8.70 -11.07
N VAL A 208 -9.92 9.96 -11.51
CA VAL A 208 -10.99 10.81 -12.00
C VAL A 208 -11.27 10.69 -13.52
N SER A 209 -10.29 10.33 -14.35
CA SER A 209 -10.48 10.22 -15.80
C SER A 209 -10.62 8.78 -16.33
N GLY A 210 -9.96 7.84 -15.67
CA GLY A 210 -9.94 6.44 -16.06
C GLY A 210 -8.64 6.09 -16.77
N SER A 211 -8.13 7.01 -17.57
CA SER A 211 -6.90 6.91 -18.34
C SER A 211 -5.69 7.52 -17.61
N LEU A 212 -4.47 7.27 -18.13
CA LEU A 212 -3.20 7.79 -17.61
C LEU A 212 -2.91 9.16 -18.24
N PRO A 213 -2.32 10.12 -17.50
CA PRO A 213 -2.06 11.45 -18.09
C PRO A 213 -1.02 11.42 -19.20
N PHE A 214 0.01 10.56 -19.02
CA PHE A 214 1.11 10.39 -19.96
C PHE A 214 1.18 8.95 -20.39
N ASP A 215 1.10 8.72 -21.72
CA ASP A 215 1.18 7.40 -22.33
C ASP A 215 2.03 7.48 -23.63
N GLY A 216 1.79 6.58 -24.60
CA GLY A 216 2.51 6.52 -25.86
C GLY A 216 3.19 5.16 -26.03
N HIS A 217 2.82 4.45 -27.12
CA HIS A 217 3.24 3.11 -27.57
C HIS A 217 4.62 2.64 -27.04
N ASN A 218 5.72 2.91 -27.78
CA ASN A 218 7.09 2.54 -27.36
C ASN A 218 7.56 3.47 -26.25
N LEU A 219 8.54 3.00 -25.44
CA LEU A 219 9.12 3.71 -24.28
C LEU A 219 9.62 5.14 -24.61
N LYS A 220 10.09 5.39 -25.85
CA LYS A 220 10.61 6.70 -26.31
C LYS A 220 9.55 7.81 -26.25
N GLU A 221 8.30 7.49 -26.66
CA GLU A 221 7.14 8.40 -26.64
C GLU A 221 6.72 8.76 -25.22
N LEU A 222 6.56 7.74 -24.33
CA LEU A 222 6.19 7.91 -22.91
C LEU A 222 7.22 8.76 -22.18
N ARG A 223 8.52 8.54 -22.45
CA ARG A 223 9.63 9.30 -21.88
C ARG A 223 9.53 10.76 -22.26
N GLU A 224 9.23 11.03 -23.54
CA GLU A 224 9.11 12.39 -24.10
C GLU A 224 7.97 13.21 -23.46
N ARG A 225 6.77 12.57 -23.32
CA ARG A 225 5.57 13.20 -22.74
C ARG A 225 5.72 13.47 -21.23
N VAL A 226 6.30 12.50 -20.46
CA VAL A 226 6.58 12.68 -19.02
C VAL A 226 7.51 13.90 -18.83
N LEU A 227 8.62 13.95 -19.64
CA LEU A 227 9.63 15.02 -19.61
C LEU A 227 9.08 16.38 -20.02
N ARG A 228 8.21 16.44 -21.06
CA ARG A 228 7.54 17.68 -21.49
C ARG A 228 6.47 18.08 -20.42
N GLY A 229 5.96 17.07 -19.69
CA GLY A 229 5.00 17.20 -18.61
C GLY A 229 3.63 17.73 -19.00
N LYS A 230 3.29 17.61 -20.31
CA LYS A 230 2.04 18.10 -20.85
C LYS A 230 0.94 17.03 -20.86
N TYR A 231 -0.17 17.31 -20.15
CA TYR A 231 -1.33 16.42 -20.05
C TYR A 231 -2.66 17.11 -20.37
N ARG A 232 -3.51 16.44 -21.17
CA ARG A 232 -4.85 16.93 -21.50
C ARG A 232 -5.70 16.78 -20.25
N VAL A 233 -6.72 17.63 -20.07
CA VAL A 233 -7.63 17.58 -18.93
C VAL A 233 -9.07 17.58 -19.46
N PRO A 234 -9.90 16.62 -18.96
CA PRO A 234 -11.24 16.45 -19.52
C PRO A 234 -12.27 17.48 -19.08
N PHE A 235 -13.20 17.85 -19.98
CA PHE A 235 -14.26 18.84 -19.72
C PHE A 235 -15.01 18.60 -18.38
N TYR A 236 -15.23 17.33 -17.99
CA TYR A 236 -16.02 17.08 -16.79
C TYR A 236 -15.30 17.44 -15.49
N MET A 237 -13.94 17.54 -15.53
CA MET A 237 -13.11 17.83 -14.37
C MET A 237 -13.45 19.17 -13.74
N SER A 238 -13.50 19.24 -12.38
CA SER A 238 -13.73 20.50 -11.66
C SER A 238 -12.47 21.32 -11.75
N THR A 239 -12.61 22.65 -11.61
CA THR A 239 -11.46 23.56 -11.62
C THR A 239 -10.53 23.27 -10.41
N ASP A 240 -11.10 22.93 -9.25
CA ASP A 240 -10.27 22.59 -8.10
C ASP A 240 -9.44 21.31 -8.35
N CYS A 241 -10.01 20.34 -9.09
CA CYS A 241 -9.25 19.14 -9.40
C CYS A 241 -8.09 19.46 -10.32
N GLU A 242 -8.34 20.20 -11.43
CA GLU A 242 -7.28 20.55 -12.37
C GLU A 242 -6.11 21.30 -11.70
N SER A 243 -6.45 22.12 -10.67
CA SER A 243 -5.51 22.92 -9.89
C SER A 243 -4.66 22.03 -9.02
N ILE A 244 -5.27 21.17 -8.13
CA ILE A 244 -4.58 20.24 -7.20
C ILE A 244 -3.60 19.34 -7.96
N LEU A 245 -3.92 18.91 -9.19
CA LEU A 245 -2.97 18.11 -9.98
C LEU A 245 -1.73 18.87 -10.37
N ARG A 246 -1.86 20.18 -10.62
CA ARG A 246 -0.72 21.05 -10.99
C ARG A 246 0.30 21.13 -9.82
N ARG A 247 -0.18 20.97 -8.56
CA ARG A 247 0.66 20.96 -7.36
C ARG A 247 1.55 19.67 -7.28
N PHE A 248 1.07 18.55 -7.88
CA PHE A 248 1.74 17.26 -7.90
C PHE A 248 2.58 17.08 -9.15
N LEU A 249 1.99 17.38 -10.33
CA LEU A 249 2.67 17.15 -11.61
C LEU A 249 3.57 18.33 -12.01
N VAL A 250 4.32 18.85 -11.01
CA VAL A 250 5.32 19.91 -11.16
C VAL A 250 6.54 19.18 -11.74
N LEU A 251 7.01 19.64 -12.92
CA LEU A 251 8.17 19.08 -13.63
C LEU A 251 9.49 19.18 -12.83
N ASN A 252 9.57 20.13 -11.87
CA ASN A 252 10.73 20.35 -11.03
C ASN A 252 10.52 19.83 -9.59
N PRO A 253 11.21 18.72 -9.22
CA PRO A 253 11.04 18.14 -7.86
C PRO A 253 11.20 19.10 -6.69
N ALA A 254 11.98 20.19 -6.90
CA ALA A 254 12.25 21.23 -5.90
C ALA A 254 11.01 22.10 -5.70
N LYS A 255 10.33 22.46 -6.81
CA LYS A 255 9.11 23.29 -6.84
C LYS A 255 7.84 22.46 -6.62
N ARG A 256 7.99 21.14 -6.52
CA ARG A 256 6.89 20.19 -6.26
C ARG A 256 6.41 20.40 -4.81
N CYS A 257 5.08 20.51 -4.63
CA CYS A 257 4.47 20.75 -3.32
C CYS A 257 4.64 19.56 -2.36
N THR A 258 4.56 19.79 -1.05
CA THR A 258 4.75 18.71 -0.09
C THR A 258 3.42 18.15 0.34
N LEU A 259 3.39 16.91 0.82
CA LEU A 259 2.14 16.27 1.27
C LEU A 259 1.52 16.96 2.48
N GLU A 260 2.33 17.57 3.35
CA GLU A 260 1.81 18.31 4.51
C GLU A 260 1.02 19.52 3.97
N GLN A 261 1.53 20.14 2.89
CA GLN A 261 0.92 21.29 2.26
C GLN A 261 -0.32 20.97 1.43
N ILE A 262 -0.27 19.92 0.57
CA ILE A 262 -1.39 19.48 -0.27
C ILE A 262 -2.56 18.97 0.58
N MET A 263 -2.29 18.39 1.75
CA MET A 263 -3.33 17.93 2.69
C MET A 263 -4.28 19.07 3.12
N LYS A 264 -3.81 20.32 2.98
CA LYS A 264 -4.55 21.51 3.37
C LYS A 264 -5.46 22.07 2.26
N ASP A 265 -5.19 21.68 0.99
CA ASP A 265 -5.89 22.03 -0.25
C ASP A 265 -7.43 22.01 -0.19
N LYS A 266 -8.07 22.88 -0.99
CA LYS A 266 -9.53 22.99 -1.09
C LYS A 266 -10.15 21.61 -1.49
N TRP A 267 -9.65 21.05 -2.63
CA TRP A 267 -10.10 19.78 -3.19
C TRP A 267 -10.07 18.63 -2.21
N ILE A 268 -8.91 18.32 -1.58
CA ILE A 268 -8.78 17.24 -0.61
C ILE A 268 -9.87 17.26 0.45
N ASN A 269 -10.36 18.45 0.83
CA ASN A 269 -11.32 18.55 1.92
C ASN A 269 -12.79 18.87 1.55
N ILE A 270 -13.16 19.02 0.26
CA ILE A 270 -14.56 19.27 -0.11
C ILE A 270 -15.47 18.17 0.47
N GLY A 271 -16.44 18.57 1.28
CA GLY A 271 -17.37 17.66 1.94
C GLY A 271 -16.83 17.05 3.24
N TYR A 272 -15.70 17.59 3.77
CA TYR A 272 -15.01 17.19 5.02
C TYR A 272 -14.72 18.43 5.89
N GLU A 273 -15.70 19.36 5.92
CA GLU A 273 -15.67 20.68 6.59
C GLU A 273 -15.00 20.67 7.98
N GLY A 274 -15.50 19.81 8.87
CA GLY A 274 -14.95 19.68 10.21
C GLY A 274 -13.54 19.11 10.18
N GLU A 275 -13.45 17.86 9.67
CA GLU A 275 -12.25 17.01 9.60
C GLU A 275 -11.33 17.25 8.39
N GLU A 276 -10.47 18.29 8.45
CA GLU A 276 -9.50 18.53 7.38
C GLU A 276 -8.35 17.50 7.52
N LEU A 277 -7.97 16.86 6.39
CA LEU A 277 -6.94 15.82 6.33
C LEU A 277 -5.64 16.27 6.98
N LYS A 278 -5.38 15.70 8.17
CA LYS A 278 -4.18 15.98 8.97
C LYS A 278 -3.34 14.71 9.08
N PRO A 279 -1.98 14.82 9.21
CA PRO A 279 -1.13 13.60 9.28
C PRO A 279 -1.59 12.55 10.27
N TYR A 280 -1.49 11.28 9.85
CA TYR A 280 -1.87 10.11 10.65
C TYR A 280 -0.87 9.87 11.77
N THR A 281 -1.39 9.49 12.93
CA THR A 281 -0.59 9.11 14.07
C THR A 281 -1.10 7.74 14.53
N GLU A 282 -0.17 6.77 14.72
CA GLU A 282 -0.57 5.43 15.14
C GLU A 282 -1.07 5.45 16.58
N PRO A 283 -2.33 5.04 16.83
CA PRO A 283 -2.87 5.09 18.20
C PRO A 283 -2.29 4.03 19.11
N GLU A 284 -2.65 4.09 20.41
CA GLU A 284 -2.18 3.14 21.41
C GLU A 284 -2.93 1.83 21.26
N GLU A 285 -2.23 0.80 20.75
CA GLU A 285 -2.82 -0.52 20.55
C GLU A 285 -2.90 -1.27 21.85
N ASP A 286 -4.10 -1.81 22.15
CA ASP A 286 -4.38 -2.58 23.34
C ASP A 286 -3.92 -4.04 23.13
N PHE A 287 -2.83 -4.43 23.79
CA PHE A 287 -2.30 -5.79 23.75
C PHE A 287 -2.72 -6.54 25.04
N GLY A 288 -3.93 -6.24 25.51
CA GLY A 288 -4.52 -6.80 26.71
C GLY A 288 -6.03 -6.93 26.69
N ASP A 289 -6.60 -7.36 25.54
CA ASP A 289 -8.05 -7.57 25.41
C ASP A 289 -8.38 -8.87 26.11
N THR A 290 -8.82 -8.77 27.39
CA THR A 290 -9.16 -9.91 28.26
C THR A 290 -10.05 -10.97 27.56
N LYS A 291 -10.96 -10.54 26.67
CA LYS A 291 -11.87 -11.43 25.93
C LYS A 291 -11.11 -12.27 24.91
N ARG A 292 -10.20 -11.66 24.13
CA ARG A 292 -9.38 -12.34 23.12
C ARG A 292 -8.27 -13.18 23.74
N ILE A 293 -7.83 -12.81 24.97
CA ILE A 293 -6.79 -13.55 25.71
C ILE A 293 -7.32 -14.91 26.16
N GLU A 294 -8.47 -14.93 26.84
CA GLU A 294 -9.10 -16.15 27.33
C GLU A 294 -9.51 -17.09 26.19
N VAL A 295 -10.11 -16.54 25.11
CA VAL A 295 -10.56 -17.28 23.90
C VAL A 295 -9.37 -18.01 23.22
N MET A 296 -8.15 -17.47 23.40
CA MET A 296 -6.93 -18.08 22.88
C MET A 296 -6.51 -19.31 23.71
N VAL A 297 -6.63 -19.24 25.05
CA VAL A 297 -6.32 -20.35 25.98
C VAL A 297 -7.16 -21.60 25.62
N GLY A 298 -8.42 -21.36 25.21
CA GLY A 298 -9.33 -22.42 24.78
C GLY A 298 -8.96 -23.07 23.46
N MET A 299 -7.82 -22.66 22.85
CA MET A 299 -7.28 -23.20 21.59
C MET A 299 -6.03 -24.03 21.86
N GLY A 300 -5.25 -23.60 22.85
CA GLY A 300 -4.00 -24.24 23.25
C GLY A 300 -2.93 -23.26 23.67
N TYR A 301 -3.26 -21.98 23.75
CA TYR A 301 -2.31 -20.92 24.11
C TYR A 301 -2.22 -20.77 25.63
N THR A 302 -1.00 -20.54 26.15
CA THR A 302 -0.81 -20.41 27.60
C THR A 302 -0.53 -18.97 28.01
N ARG A 303 -1.03 -18.61 29.20
CA ARG A 303 -0.93 -17.28 29.84
C ARG A 303 0.47 -16.68 29.68
N GLU A 304 1.52 -17.45 30.05
CA GLU A 304 2.92 -17.04 29.97
C GLU A 304 3.38 -16.81 28.53
N GLU A 305 2.98 -17.70 27.58
CA GLU A 305 3.31 -17.61 26.15
C GLU A 305 2.70 -16.36 25.51
N ILE A 306 1.38 -16.12 25.72
CA ILE A 306 0.62 -14.97 25.22
C ILE A 306 1.24 -13.65 25.69
N LYS A 307 1.33 -13.47 27.02
CA LYS A 307 1.87 -12.27 27.67
C LYS A 307 3.27 -11.89 27.17
N GLU A 308 4.19 -12.88 27.10
CA GLU A 308 5.58 -12.67 26.68
C GLU A 308 5.72 -12.27 25.20
N SER A 309 4.93 -12.92 24.31
CA SER A 309 5.00 -12.67 22.87
C SER A 309 4.02 -11.61 22.35
N LEU A 310 3.11 -11.09 23.20
CA LEU A 310 2.19 -10.04 22.76
C LEU A 310 2.82 -8.66 23.00
N THR A 311 3.22 -8.40 24.26
CA THR A 311 3.88 -7.17 24.74
C THR A 311 5.03 -6.72 23.80
N SER A 312 5.73 -7.70 23.19
CA SER A 312 6.80 -7.53 22.22
C SER A 312 6.23 -7.76 20.81
N GLN A 313 6.52 -6.84 19.85
CA GLN A 313 6.03 -6.92 18.46
C GLN A 313 6.78 -8.02 17.66
N LYS A 314 6.63 -9.28 18.11
CA LYS A 314 7.31 -10.44 17.57
C LYS A 314 6.86 -10.90 16.17
N TYR A 315 5.53 -10.83 15.85
CA TYR A 315 4.90 -11.26 14.58
C TYR A 315 4.89 -12.80 14.47
N ASN A 316 4.65 -13.51 15.57
CA ASN A 316 4.64 -14.98 15.59
C ASN A 316 3.22 -15.56 15.52
N GLU A 317 3.07 -16.88 15.72
CA GLU A 317 1.76 -17.56 15.73
C GLU A 317 0.78 -16.85 16.68
N VAL A 318 1.30 -16.44 17.86
CA VAL A 318 0.58 -15.81 18.97
C VAL A 318 0.06 -14.43 18.57
N THR A 319 0.99 -13.53 18.18
CA THR A 319 0.71 -12.16 17.74
C THR A 319 -0.36 -12.17 16.65
N ALA A 320 -0.16 -12.99 15.59
CA ALA A 320 -1.06 -13.12 14.47
C ALA A 320 -2.48 -13.50 14.89
N THR A 321 -2.62 -14.53 15.75
CA THR A 321 -3.90 -15.04 16.30
C THR A 321 -4.68 -13.94 17.05
N TYR A 322 -3.98 -13.15 17.89
CA TYR A 322 -4.58 -12.07 18.67
C TYR A 322 -5.07 -10.93 17.78
N LEU A 323 -4.29 -10.54 16.75
CA LEU A 323 -4.68 -9.49 15.81
C LEU A 323 -5.83 -9.98 14.93
N LEU A 324 -5.86 -11.28 14.63
CA LEU A 324 -6.91 -11.82 13.77
C LEU A 324 -8.24 -12.04 14.51
N LEU A 325 -8.21 -12.12 15.86
CA LEU A 325 -9.44 -12.31 16.64
C LEU A 325 -10.27 -11.01 16.82
N GLY A 326 -9.77 -9.91 16.26
CA GLY A 326 -10.45 -8.62 16.28
C GLY A 326 -10.61 -8.05 14.89
N ARG A 327 -10.75 -8.93 13.88
CA ARG A 327 -10.84 -8.56 12.47
C ARG A 327 -12.15 -9.00 11.78
N LYS A 328 -12.56 -10.29 11.99
CA LYS A 328 -13.77 -10.90 11.41
C LYS A 328 -13.83 -10.84 9.88
C18 5RC B . 3.14 -8.39 -5.83
C16 5RC B . 2.38 -8.19 -3.49
C15 5RC B . -0.30 -9.71 0.77
C19 5RC B . 2.74 -7.69 -7.15
C20 5RC B . 1.76 -8.56 -7.95
C21 5RC B . 2.34 -9.94 -8.25
F30 5RC B . -6.34 -8.54 -6.14
C22 5RC B . 2.67 -10.70 -6.98
C23 5RC B . 3.58 -9.89 -6.09
C11 5RC B . -0.12 -8.17 -2.70
C12 5RC B . 1.25 -8.17 -2.54
N1 5RC B . -4.48 -9.06 -2.05
C2 5RC B . -3.19 -9.04 -2.56
C3 5RC B . -2.32 -8.76 -1.51
C4 5RC B . -3.16 -8.60 -0.40
N5 5RC B . -4.51 -8.79 -0.68
C6 5RC B . -5.55 -9.29 -2.85
C7 5RC B . -5.28 -9.47 -4.23
C8 5RC B . -3.97 -9.46 -4.66
N9 5RC B . -2.92 -9.25 -3.86
C10 5RC B . -0.83 -8.67 -1.56
S13 5RC B . 1.66 -8.81 -0.98
C14 5RC B . 0.01 -9.08 -0.54
N17 5RC B . 2.10 -8.33 -4.80
F24 5RC B . 4.85 -9.94 -6.55
O25 5RC B . 3.52 -8.02 -3.08
F26 5RC B . 3.70 -10.51 -4.89
N27 5RC B . 2.20 -6.34 -6.94
C28 5RC B . -6.40 -9.53 -5.23
F29 5RC B . -6.35 -10.67 -5.95
F31 5RC B . -7.63 -9.47 -4.66
C32 5RC B . 0.43 -11.01 1.01
#